data_2DD2
#
_entry.id   2DD2
#
_cell.length_a   1.000
_cell.length_b   1.000
_cell.length_c   1.000
_cell.angle_alpha   90.00
_cell.angle_beta   90.00
_cell.angle_gamma   90.00
#
_symmetry.space_group_name_H-M   'P 1'
#
loop_
_entity.id
_entity.type
_entity.pdbx_description
1 polymer "5'-R(*GP*GP*UP*GP*AP*AP*GP*GP*CP*U)-3'"
2 polymer "5'-R(*GP*CP*CP*GP*AP*AP*GP*CP*CP*(P5P))-3'"
#
loop_
_entity_poly.entity_id
_entity_poly.type
_entity_poly.pdbx_seq_one_letter_code
_entity_poly.pdbx_strand_id
1 'polyribonucleotide' GGUGAAGGCU A
2 'polyribonucleotide' GCCGAAGCC(P5P) B
#
loop_
_chem_comp.id
_chem_comp.type
_chem_comp.name
_chem_comp.formula
A RNA linking ADENOSINE-5'-MONOPHOSPHATE 'C10 H14 N5 O7 P'
C RNA linking CYTIDINE-5'-MONOPHOSPHATE 'C9 H14 N3 O8 P'
G RNA linking GUANOSINE-5'-MONOPHOSPHATE 'C10 H14 N5 O8 P'
P5P RNA linking 'PURINE RIBOSIDE-5'-MONOPHOSPHATE' 'C10 H13 N4 O7 P'
U RNA linking URIDINE-5'-MONOPHOSPHATE 'C9 H13 N2 O9 P'
#
# COMPACT_ATOMS: atom_id res chain seq x y z
N1 P5P B 10 1.67 -4.04 -3.92
C2 P5P B 10 0.91 -4.46 -2.91
N3 P5P B 10 0.35 -3.72 -1.95
C4 P5P B 10 0.65 -2.40 -2.08
C5 P5P B 10 1.44 -1.83 -3.06
C6 P5P B 10 1.94 -2.72 -4.03
N7 P5P B 10 1.57 -0.47 -2.84
C8 P5P B 10 0.86 -0.25 -1.76
N9 P5P B 10 0.25 -1.37 -1.27
C1' P5P B 10 -0.63 -1.52 -0.09
C2' P5P B 10 0.17 -2.02 1.12
O2' P5P B 10 -0.66 -2.87 1.91
C3' P5P B 10 0.50 -0.72 1.84
O3' P5P B 10 0.74 -0.95 3.21
C4' P5P B 10 -0.79 0.08 1.58
O4' P5P B 10 -1.21 -0.28 0.27
C5' P5P B 10 -0.61 1.60 1.72
O5' P5P B 10 0.35 2.07 0.80
P P5P B 10 0.73 3.64 0.68
OP1 P5P B 10 0.67 4.23 2.02
OP2 P5P B 10 1.98 3.73 -0.11
H2 P5P B 10 0.71 -5.51 -2.88
H6 P5P B 10 2.55 -2.36 -4.85
H8 P5P B 10 0.77 0.73 -1.32
H1' P5P B 10 -1.42 -2.23 -0.34
H2' P5P B 10 1.08 -2.55 0.82
HO2' P5P B 10 -0.82 -3.68 1.43
H3' P5P B 10 1.35 -0.23 1.35
HO3' P5P B 10 0.20 -1.70 3.47
H4' P5P B 10 -1.55 -0.25 2.29
H5'1 P5P B 10 -1.56 2.09 1.55
H5'2 P5P B 10 -0.27 1.83 2.74
N1 P5P B 10 1.41 -4.05 -3.40
C2 P5P B 10 0.60 -4.24 -2.35
N3 P5P B 10 0.09 -3.32 -1.54
C4 P5P B 10 0.49 -2.06 -1.87
C5 P5P B 10 1.33 -1.72 -2.91
C6 P5P B 10 1.78 -2.79 -3.71
N7 P5P B 10 1.58 -0.35 -2.90
C8 P5P B 10 0.87 0.09 -1.90
N9 P5P B 10 0.16 -0.89 -1.24
C1' P5P B 10 -0.76 -0.78 -0.08
C2' P5P B 10 -0.04 -1.17 1.21
O2' P5P B 10 -0.94 -1.80 2.09
C3' P5P B 10 0.40 0.20 1.73
O3' P5P B 10 0.61 0.16 3.14
C4' P5P B 10 -0.79 1.06 1.32
O4' P5P B 10 -1.22 0.55 0.07
C5' P5P B 10 -0.47 2.56 1.24
O5' P5P B 10 0.56 2.80 0.29
P P5P B 10 1.10 4.28 -0.05
OP1 P5P B 10 1.06 5.08 1.20
OP2 P5P B 10 2.36 4.14 -0.79
H2 P5P B 10 0.32 -5.26 -2.15
H6 P5P B 10 2.43 -2.61 -4.55
H8 P5P B 10 0.84 1.13 -1.61
H1' P5P B 10 -1.61 -1.45 -0.25
H2' P5P B 10 0.83 -1.80 1.03
HO2' P5P B 10 -1.19 -2.67 1.72
H3' P5P B 10 1.31 0.52 1.21
HO3' P5P B 10 -0.02 -0.49 3.47
H4' P5P B 10 -1.59 0.92 2.05
H5'1 P5P B 10 -1.36 3.11 0.96
H5'2 P5P B 10 -0.13 2.91 2.22
N1 P5P B 10 0.39 -5.21 -3.13
C2 P5P B 10 -0.34 -5.29 -2.03
N3 P5P B 10 -0.62 -4.31 -1.16
C4 P5P B 10 -0.04 -3.12 -1.52
C5 P5P B 10 0.74 -2.90 -2.63
C6 P5P B 10 0.93 -4.02 -3.48
N7 P5P B 10 1.20 -1.59 -2.66
C8 P5P B 10 0.67 -1.07 -1.57
N9 P5P B 10 -0.12 -1.93 -0.86
C1' P5P B 10 -0.87 -1.69 0.40
C2' P5P B 10 -0.05 -2.15 1.61
O2' P5P B 10 -0.91 -2.62 2.62
C3' P5P B 10 0.64 -0.85 2.03
O3' P5P B 10 1.08 -0.87 3.37
C4' P5P B 10 -0.49 0.15 1.75
O4' P5P B 10 -1.12 -0.30 0.57
C5' P5P B 10 -0.01 1.60 1.64
O5' P5P B 10 0.98 1.71 0.63
P P5P B 10 1.70 3.11 0.29
OP1 P5P B 10 1.86 3.87 1.55
OP2 P5P B 10 2.88 2.81 -0.54
H2 P5P B 10 -0.76 -6.25 -1.80
H6 P5P B 10 1.51 -3.93 -4.38
H8 P5P B 10 0.84 -0.04 -1.29
H1' P5P B 10 -1.81 -2.25 0.36
H2' P5P B 10 0.68 -2.92 1.35
HO2' P5P B 10 -0.46 -2.50 3.46
H3' P5P B 10 1.48 -0.66 1.35
HO3' P5P B 10 1.57 -0.06 3.54
H4' P5P B 10 -1.21 0.09 2.57
H5'1 P5P B 10 -0.85 2.25 1.40
H5'2 P5P B 10 0.41 1.91 2.59
N1 P5P B 10 0.19 -3.66 -2.43
C2 P5P B 10 -0.65 -3.48 -1.42
N3 P5P B 10 -0.98 -2.36 -0.79
C4 P5P B 10 -0.31 -1.29 -1.31
C5 P5P B 10 0.60 -1.30 -2.33
C6 P5P B 10 0.83 -2.56 -2.93
N7 P5P B 10 1.13 -0.03 -2.55
C8 P5P B 10 0.51 0.71 -1.67
N9 P5P B 10 -0.40 0.02 -0.90
C1' P5P B 10 -1.31 0.53 0.16
C2' P5P B 10 -0.68 0.34 1.55
O2' P5P B 10 -1.70 0.10 2.50
C3' P5P B 10 0.00 1.69 1.76
O3' P5P B 10 0.24 1.96 3.13
C4' P5P B 10 -1.04 2.62 1.13
O4' P5P B 10 -1.54 1.92 -0.01
C5' P5P B 10 -0.48 3.99 0.76
O5' P5P B 10 0.64 3.85 -0.10
P P5P B 10 1.45 5.11 -0.66
OP1 P5P B 10 1.54 6.12 0.42
OP2 P5P B 10 2.69 4.59 -1.28
H2 P5P B 10 -1.14 -4.38 -1.06
H6 P5P B 10 1.52 -2.67 -3.75
H8 P5P B 10 0.69 1.76 -1.57
H1' P5P B 10 -2.25 -0.02 0.12
H2' P5P B 10 0.04 -0.48 1.56
HO2' P5P B 10 -1.36 0.39 3.36
H3' P5P B 10 0.93 1.71 1.20
HO3' P5P B 10 0.73 2.78 3.19
H4' P5P B 10 -1.86 2.76 1.83
H5'1 P5P B 10 -1.25 4.59 0.26
H5'2 P5P B 10 -0.17 4.51 1.66
N1 P5P B 10 1.38 -4.16 -3.31
C2 P5P B 10 0.55 -4.35 -2.28
N3 P5P B 10 0.02 -3.43 -1.46
C4 P5P B 10 0.44 -2.17 -1.78
C5 P5P B 10 1.30 -1.83 -2.80
C6 P5P B 10 1.76 -2.89 -3.60
N7 P5P B 10 1.54 -0.46 -2.80
C8 P5P B 10 0.83 -0.02 -1.80
N9 P5P B 10 0.11 -1.00 -1.15
C1' P5P B 10 -0.81 -0.88 0.00
C2' P5P B 10 -0.08 -1.21 1.31
O2' P5P B 10 -0.98 -1.80 2.22
C3' P5P B 10 0.34 0.18 1.77
O3' P5P B 10 0.63 0.24 3.15
C4' P5P B 10 -0.88 1.00 1.35
O4' P5P B 10 -1.30 0.46 0.11
C5' P5P B 10 -0.61 2.51 1.27
O5' P5P B 10 0.45 2.76 0.37
P P5P B 10 0.99 4.26 0.08
OP1 P5P B 10 0.90 5.03 1.34
OP2 P5P B 10 2.29 4.13 -0.60
H2 P5P B 10 0.27 -5.37 -2.08
H6 P5P B 10 2.42 -2.72 -4.43
H8 P5P B 10 0.80 1.02 -1.51
H1' P5P B 10 -1.64 -1.58 -0.14
H2' P5P B 10 0.78 -1.86 1.14
HO2' P5P B 10 -0.64 -1.62 3.11
H3' P5P B 10 1.22 0.50 1.19
HO3' P5P B 10 0.96 1.11 3.37
H4' P5P B 10 -1.67 0.83 2.09
H5'1 P5P B 10 -1.51 3.01 0.92
H5'2 P5P B 10 -0.36 2.89 2.25
N1 P5P B 10 1.90 -4.31 -4.02
C2 P5P B 10 1.18 -4.66 -2.96
N3 P5P B 10 0.67 -3.88 -2.01
C4 P5P B 10 0.97 -2.57 -2.22
C5 P5P B 10 1.69 -2.05 -3.26
C6 P5P B 10 2.16 -2.99 -4.21
N7 P5P B 10 1.84 -0.67 -3.12
C8 P5P B 10 1.18 -0.40 -2.03
N9 P5P B 10 0.59 -1.50 -1.44
C1' P5P B 10 -0.23 -1.58 -0.21
C2' P5P B 10 0.63 -1.96 1.00
O2' P5P B 10 -0.14 -2.73 1.91
C3' P5P B 10 0.98 -0.59 1.56
O3' P5P B 10 1.38 -0.65 2.93
C4' P5P B 10 -0.34 0.15 1.33
O4' P5P B 10 -0.81 -0.32 0.08
C5' P5P B 10 -0.21 1.67 1.37
O5' P5P B 10 0.76 2.11 0.44
P P5P B 10 1.16 3.66 0.27
OP1 P5P B 10 1.09 4.30 1.62
OP2 P5P B 10 2.42 3.73 -0.50
H2 P5P B 10 1.00 -5.72 -2.85
H6 P5P B 10 2.73 -2.67 -5.07
H8 P5P B 10 1.10 0.60 -1.63
H1' P5P B 10 -1.00 -2.34 -0.35
H2' P5P B 10 1.53 -2.51 0.70
HO2' P5P B 10 0.26 -2.60 2.78
H3' P5P B 10 1.77 -0.14 0.96
HO3' P5P B 10 1.65 0.23 3.20
H4' P5P B 10 -1.05 -0.16 2.10
H5'1 P5P B 10 -1.17 2.12 1.15
H5'2 P5P B 10 0.09 1.97 2.38
N1 P5P B 10 0.84 -3.93 -3.11
C2 P5P B 10 0.03 -4.01 -2.06
N3 P5P B 10 -0.40 -3.02 -1.28
C4 P5P B 10 0.09 -1.81 -1.66
C5 P5P B 10 0.95 -1.59 -2.71
C6 P5P B 10 1.31 -2.72 -3.47
N7 P5P B 10 1.29 -0.23 -2.78
C8 P5P B 10 0.63 0.30 -1.79
N9 P5P B 10 -0.15 -0.59 -1.08
C1' P5P B 10 -1.04 -0.35 0.08
C2' P5P B 10 -0.29 -0.65 1.38
O2' P5P B 10 -1.20 -1.13 2.35
C3' P5P B 10 0.22 0.74 1.76
O3' P5P B 10 0.53 0.84 3.14
C4' P5P B 10 -0.96 1.60 1.32
O4' P5P B 10 -1.43 1.01 0.12
C5' P5P B 10 -0.61 3.08 1.14
O5' P5P B 10 0.47 3.22 0.23
P P5P B 10 1.09 4.65 -0.16
OP1 P5P B 10 1.05 5.50 1.05
OP2 P5P B 10 2.39 4.41 -0.83
H2 P5P B 10 -0.32 -5.00 -1.81
H6 P5P B 10 1.96 -2.62 -4.32
H8 P5P B 10 0.68 1.36 -1.55
H1' P5P B 10 -1.90 -1.01 0.00
H2' P5P B 10 0.52 -1.36 1.25
HO2' P5P B 10 -0.84 -0.92 3.22
H3' P5P B 10 1.10 0.96 1.16
HO3' P5P B 10 0.92 1.71 3.29
H4' P5P B 10 -1.75 1.52 2.08
H5'1 P5P B 10 -1.48 3.62 0.77
H5'2 P5P B 10 -0.33 3.50 2.10
N1 P5P B 10 0.52 -4.82 -2.77
C2 P5P B 10 -0.35 -4.71 -1.75
N3 P5P B 10 -0.77 -3.59 -1.17
C4 P5P B 10 -0.19 -2.48 -1.70
C5 P5P B 10 0.72 -2.45 -2.73
C6 P5P B 10 1.06 -3.70 -3.29
N7 P5P B 10 1.12 -1.15 -2.99
C8 P5P B 10 0.43 -0.43 -2.14
N9 P5P B 10 -0.39 -1.17 -1.31
C1' P5P B 10 -1.30 -0.70 -0.24
C2' P5P B 10 -0.85 -1.22 1.13
O2' P5P B 10 -1.96 -1.30 2.01
C3' P5P B 10 0.14 -0.13 1.54
O3' P5P B 10 0.33 -0.12 2.94
C4' P5P B 10 -0.57 1.12 1.01
O4' P5P B 10 -1.29 0.71 -0.15
C5' P5P B 10 0.43 2.23 0.68
O5' P5P B 10 -0.22 3.49 0.64
P P5P B 10 0.56 4.82 0.15
OP1 P5P B 10 0.44 5.82 1.24
OP2 P5P B 10 1.89 4.43 -0.35
H2 P5P B 10 -0.76 -5.63 -1.38
H6 P5P B 10 1.75 -3.77 -4.12
H8 P5P B 10 0.50 0.64 -2.09
H1' P5P B 10 -2.31 -1.06 -0.46
H2' P5P B 10 -0.35 -2.19 1.07
HO2' P5P B 10 -2.54 -2.01 1.72
H3' P5P B 10 1.08 -0.27 1.02
HO3' P5P B 10 -0.52 -0.36 3.33
H4' P5P B 10 -1.28 1.48 1.76
H5'1 P5P B 10 1.20 2.27 1.46
H5'2 P5P B 10 0.91 2.02 -0.27
N1 P5P B 10 -0.61 -3.63 -1.94
C2 P5P B 10 -1.51 -3.43 -0.98
N3 P5P B 10 -1.83 -2.27 -0.39
C4 P5P B 10 -1.10 -1.24 -0.89
C5 P5P B 10 -0.14 -1.30 -1.86
C6 P5P B 10 0.07 -2.58 -2.42
N7 P5P B 10 0.43 -0.05 -2.08
C8 P5P B 10 -0.22 0.73 -1.26
N9 P5P B 10 -1.19 0.09 -0.51
C1' P5P B 10 -2.12 0.64 0.51
C2' P5P B 10 -1.54 0.45 1.92
O2' P5P B 10 -2.61 0.26 2.83
C3' P5P B 10 -0.84 1.77 2.14
O3' P5P B 10 -0.64 2.06 3.51
C4' P5P B 10 -1.81 2.73 1.45
O4' P5P B 10 -2.28 2.04 0.30
C5' P5P B 10 -1.20 4.09 1.09
O5' P5P B 10 -0.03 3.91 0.30
P P5P B 10 0.87 5.14 -0.19
OP1 P5P B 10 0.86 6.17 0.88
OP2 P5P B 10 2.15 4.60 -0.68
H2 P5P B 10 -2.05 -4.30 -0.63
H6 P5P B 10 0.81 -2.73 -3.19
H8 P5P B 10 -0.01 1.78 -1.16
H1' P5P B 10 -3.07 0.13 0.43
H2' P5P B 10 -0.85 -0.40 1.97
HO2' P5P B 10 -2.29 0.55 3.69
H3' P5P B 10 0.12 1.77 1.61
HO3' P5P B 10 -0.11 2.86 3.58
H4' P5P B 10 -2.66 2.90 2.11
H5'1 P5P B 10 -1.93 4.69 0.55
H5'2 P5P B 10 -0.93 4.61 2.01
N1 P5P B 10 -1.54 -3.14 -1.57
C2 P5P B 10 -2.44 -2.62 -0.73
N3 P5P B 10 -2.51 -1.38 -0.27
C4 P5P B 10 -1.52 -0.59 -0.77
C5 P5P B 10 -0.53 -0.98 -1.64
C6 P5P B 10 -0.59 -2.32 -2.06
N7 P5P B 10 0.34 0.08 -1.89
C8 P5P B 10 -0.16 1.06 -1.19
N9 P5P B 10 -1.31 0.74 -0.50
C1' P5P B 10 -2.17 1.58 0.36
C2' P5P B 10 -1.83 1.34 1.84
O2' P5P B 10 -3.01 1.45 2.62
C3' P5P B 10 -0.84 2.47 2.13
O3' P5P B 10 -0.81 2.77 3.50
C4' P5P B 10 -1.44 3.59 1.27
O4' P5P B 10 -1.95 2.97 0.10
C5' P5P B 10 -0.44 4.70 0.92
O5' P5P B 10 0.66 4.17 0.19
P P5P B 10 1.86 5.11 -0.35
OP1 P5P B 10 2.09 6.17 0.65
OP2 P5P B 10 2.96 4.21 -0.75
H2 P5P B 10 -3.19 -3.31 -0.37
H6 P5P B 10 0.15 -2.71 -2.75
H8 P5P B 10 0.30 2.04 -1.15
H1' P5P B 10 -3.20 1.33 0.17
H2' P5P B 10 -1.37 0.36 2.00
HO2' P5P B 10 -3.59 0.72 2.41
H3' P5P B 10 0.14 2.19 1.76
HO3' P5P B 10 -1.69 2.59 3.84
H4' P5P B 10 -2.27 4.03 1.81
H5'1 P5P B 10 -0.93 5.47 0.34
H5'2 P5P B 10 -0.06 5.15 1.85
N1 P5P B 10 1.65 -3.11 -3.11
C2 P5P B 10 0.86 -3.32 -2.07
N3 P5P B 10 0.25 -2.42 -1.30
C4 P5P B 10 0.54 -1.15 -1.68
C5 P5P B 10 1.36 -0.77 -2.71
C6 P5P B 10 1.91 -1.83 -3.47
N7 P5P B 10 1.47 0.61 -2.78
C8 P5P B 10 0.72 1.02 -1.80
N9 P5P B 10 0.10 0.01 -1.10
C1' P5P B 10 -0.83 0.09 0.04
C2' P5P B 10 -0.10 -0.17 1.36
O2' P5P B 10 -0.96 -0.85 2.26
C3' P5P B 10 0.20 1.26 1.83
O3' P5P B 10 0.39 1.30 3.22
C4' P5P B 10 -1.05 1.99 1.36
O4' P5P B 10 -1.43 1.39 0.13
C5' P5P B 10 -0.87 3.51 1.21
O5' P5P B 10 0.14 3.79 0.26
P P5P B 10 0.54 5.30 -0.14
OP1 P5P B 10 0.42 6.14 1.06
OP2 P5P B 10 1.83 5.24 -0.87
H2 P5P B 10 0.67 -4.36 -1.82
H6 P5P B 10 2.56 -1.63 -4.31
H8 P5P B 10 0.61 2.07 -1.56
H1' P5P B 10 -1.62 -0.66 -0.09
H2' P5P B 10 0.82 -0.74 1.21
HO2' P5P B 10 -1.12 -1.74 1.93
H3' P5P B 10 1.08 1.64 1.30
HO3' P5P B 10 -0.17 0.61 3.58
H4' P5P B 10 -1.85 1.80 2.08
H5'1 P5P B 10 -1.81 3.95 0.90
H5'2 P5P B 10 -0.58 3.93 2.17
N1 P5P B 10 1.41 -4.02 -2.96
C2 P5P B 10 0.64 -4.27 -1.90
N3 P5P B 10 -0.03 -3.40 -1.15
C4 P5P B 10 0.16 -2.11 -1.56
C5 P5P B 10 0.92 -1.71 -2.62
C6 P5P B 10 1.55 -2.74 -3.36
N7 P5P B 10 0.91 -0.32 -2.74
C8 P5P B 10 0.13 0.06 -1.76
N9 P5P B 10 -0.37 -0.97 -1.00
C1' P5P B 10 -1.28 -0.93 0.16
C2' P5P B 10 -0.58 -1.40 1.44
O2' P5P B 10 -1.53 -1.91 2.36
C3' P5P B 10 0.05 -0.10 1.92
O3' P5P B 10 0.35 -0.16 3.30
C4' P5P B 10 -1.04 0.92 1.58
O4' P5P B 10 -1.70 0.41 0.42
C5' P5P B 10 -0.47 2.32 1.34
O5' P5P B 10 -1.48 3.30 1.45
P P5P B 10 -1.18 4.84 1.07
OP1 P5P B 10 -1.53 5.67 2.25
OP2 P5P B 10 0.17 4.93 0.48
H2 P5P B 10 0.54 -5.31 -1.62
H6 P5P B 10 2.15 -2.51 -4.23
H8 P5P B 10 -0.10 1.09 -1.58
H1' P5P B 10 -2.15 -1.56 -0.04
H2' P5P B 10 0.19 -2.15 1.23
HO2' P5P B 10 -1.88 -2.74 2.02
H3' P5P B 10 0.95 0.11 1.35
HO3' P5P B 10 -0.35 -0.69 3.70
H4' P5P B 10 -1.76 0.96 2.40
H5'1 P5P B 10 0.31 2.52 2.08
H5'2 P5P B 10 -0.01 2.35 0.35
N1 P5P B 10 1.62 -2.89 -3.22
C2 P5P B 10 0.98 -3.53 -2.25
N3 P5P B 10 0.18 -3.01 -1.31
C4 P5P B 10 0.07 -1.66 -1.43
C5 P5P B 10 0.68 -0.87 -2.38
C6 P5P B 10 1.47 -1.55 -3.33
N7 P5P B 10 0.38 0.47 -2.16
C8 P5P B 10 -0.41 0.46 -1.12
N9 P5P B 10 -0.66 -0.81 -0.64
C1' P5P B 10 -1.51 -1.22 0.51
C2' P5P B 10 -0.67 -1.43 1.76
O2' P5P B 10 -1.23 -2.44 2.57
C3' P5P B 10 -0.79 -0.06 2.43
O3' P5P B 10 -0.49 -0.11 3.82
C4' P5P B 10 -2.24 0.27 2.11
O4' P5P B 10 -2.48 -0.21 0.80
C5' P5P B 10 -2.58 1.76 2.25
O5' P5P B 10 -1.71 2.53 1.43
P P5P B 10 -1.79 4.14 1.39
OP1 P5P B 10 -2.14 4.63 2.74
OP2 P5P B 10 -0.55 4.62 0.73
H2 P5P B 10 1.11 -4.59 -2.22
H6 P5P B 10 1.98 -1.01 -4.11
H8 P5P B 10 -0.81 1.34 -0.68
H1' P5P B 10 -2.02 -2.16 0.26
H2' P5P B 10 0.38 -1.66 1.52
HO2' P5P B 10 -0.95 -2.27 3.47
H3' P5P B 10 -0.12 0.64 1.93
HO3' P5P B 10 -0.51 0.80 4.15
H4' P5P B 10 -2.89 -0.29 2.80
H5'1 P5P B 10 -3.61 1.93 1.95
H5'2 P5P B 10 -2.46 2.06 3.28
N1 P5P B 10 -0.05 -3.58 -2.86
C2 P5P B 10 -0.98 -3.70 -1.91
N3 P5P B 10 -1.50 -2.75 -1.16
C4 P5P B 10 -0.98 -1.52 -1.43
C5 P5P B 10 -0.01 -1.24 -2.37
C6 P5P B 10 0.44 -2.34 -3.13
N7 P5P B 10 0.34 0.10 -2.33
C8 P5P B 10 -0.44 0.60 -1.40
N9 P5P B 10 -1.29 -0.32 -0.83
C1' P5P B 10 -2.31 -0.14 0.22
C2' P5P B 10 -1.77 -0.59 1.58
O2' P5P B 10 -2.82 -1.16 2.35
C3' P5P B 10 -1.29 0.73 2.17
O3' P5P B 10 -1.24 0.67 3.58
C4' P5P B 10 -2.35 1.69 1.64
O4' P5P B 10 -2.68 1.23 0.33
C5' P5P B 10 -1.90 3.16 1.60
O5' P5P B 10 -0.76 3.31 0.78
P P5P B 10 -0.06 4.74 0.53
OP1 P5P B 10 -0.17 5.54 1.78
OP2 P5P B 10 1.27 4.49 -0.07
H2 P5P B 10 -1.35 -4.70 -1.75
H6 P5P B 10 1.19 -2.22 -3.89
H8 P5P B 10 -0.41 1.63 -1.11
H1' P5P B 10 -3.19 -0.74 -0.04
H2' P5P B 10 -0.95 -1.31 1.48
HO2' P5P B 10 -3.09 -1.99 1.94
H3' P5P B 10 -0.30 0.98 1.75
HO3' P5P B 10 -1.94 0.07 3.84
H4' P5P B 10 -3.24 1.61 2.27
H5'1 P5P B 10 -2.70 3.77 1.23
H5'2 P5P B 10 -1.65 3.47 2.62
N1 P5P B 10 1.01 -3.76 -3.03
C2 P5P B 10 0.16 -4.07 -2.07
N3 P5P B 10 -0.51 -3.25 -1.26
C4 P5P B 10 -0.23 -1.94 -1.52
C5 P5P B 10 0.63 -1.47 -2.47
C6 P5P B 10 1.25 -2.46 -3.28
N7 P5P B 10 0.72 -0.08 -2.42
C8 P5P B 10 -0.09 0.24 -1.46
N9 P5P B 10 -0.73 -0.84 -0.87
C1' P5P B 10 -1.73 -0.86 0.22
C2' P5P B 10 -1.05 -1.21 1.56
O2' P5P B 10 -1.97 -1.93 2.37
C3' P5P B 10 -0.79 0.19 2.12
O3' P5P B 10 -0.63 0.17 3.53
C4' P5P B 10 -2.04 0.92 1.66
O4' P5P B 10 -2.35 0.41 0.37
C5' P5P B 10 -1.89 2.45 1.65
O5' P5P B 10 -0.82 2.84 0.81
P P5P B 10 -0.39 4.38 0.60
OP1 P5P B 10 -0.60 5.08 1.87
OP2 P5P B 10 0.93 4.39 -0.05
H2 P5P B 10 -0.02 -5.13 -1.92
H6 P5P B 10 1.94 -2.17 -4.06
H8 P5P B 10 -0.25 1.25 -1.13
H1' P5P B 10 -2.49 -1.62 0.00
H2' P5P B 10 -0.14 -1.77 1.42
HO2' P5P B 10 -1.80 -1.68 3.28
H3' P5P B 10 0.10 0.62 1.64
HO3' P5P B 10 0.29 -0.06 3.73
H4' P5P B 10 -2.86 0.66 2.34
H5'1 P5P B 10 -2.81 2.90 1.31
H5'2 P5P B 10 -1.69 2.80 2.67
N1 P5P B 10 2.05 -4.29 -3.87
C2 P5P B 10 1.32 -4.59 -2.80
N3 P5P B 10 0.78 -3.76 -1.91
C4 P5P B 10 1.07 -2.46 -2.20
C5 P5P B 10 1.83 -2.00 -3.25
C6 P5P B 10 2.31 -2.99 -4.13
N7 P5P B 10 1.97 -0.62 -3.19
C8 P5P B 10 1.28 -0.28 -2.14
N9 P5P B 10 0.68 -1.34 -1.49
C1' P5P B 10 -0.17 -1.36 -0.28
C2' P5P B 10 0.65 -1.73 0.96
O2' P5P B 10 -0.16 -2.49 1.84
C3' P5P B 10 0.99 -0.35 1.52
O3' P5P B 10 1.27 -0.44 2.90
C4' P5P B 10 -0.29 0.41 1.20
O4' P5P B 10 -0.74 -0.08 -0.05
C5' P5P B 10 -0.10 1.94 1.17
O5' P5P B 10 0.86 2.30 0.19
P P5P B 10 1.25 3.83 -0.10
OP1 P5P B 10 1.20 4.57 1.18
OP2 P5P B 10 2.50 3.83 -0.90
H2 P5P B 10 1.12 -5.64 -2.63
H6 P5P B 10 2.90 -2.72 -5.00
H8 P5P B 10 1.19 0.74 -1.79
H1' P5P B 10 -0.97 -2.09 -0.43
H2' P5P B 10 1.55 -2.29 0.69
HO2' P5P B 10 -0.34 -3.35 1.45
H3' P5P B 10 1.84 0.07 0.98
HO3' P5P B 10 0.72 -1.15 3.24
H4' P5P B 10 -1.04 0.17 1.95
H5'1 P5P B 10 -1.05 2.41 0.95
H5'2 P5P B 10 0.24 2.27 2.15
N1 P5P B 10 -0.17 -3.73 -2.45
C2 P5P B 10 -1.11 -3.63 -1.52
N3 P5P B 10 -1.52 -2.54 -0.88
C4 P5P B 10 -0.84 -1.43 -1.28
C5 P5P B 10 0.16 -1.38 -2.21
C6 P5P B 10 0.48 -2.61 -2.84
N7 P5P B 10 0.65 -0.08 -2.33
C8 P5P B 10 -0.06 0.60 -1.48
N9 P5P B 10 -1.01 -0.14 -0.82
C1' P5P B 10 -2.02 0.28 0.18
C2' P5P B 10 -1.55 -0.03 1.60
O2' P5P B 10 -2.68 -0.32 2.42
C3' P5P B 10 -0.87 1.27 2.00
O3' P5P B 10 -0.80 1.39 3.41
C4' P5P B 10 -1.80 2.29 1.34
O4' P5P B 10 -2.24 1.69 0.12
C5' P5P B 10 -1.15 3.66 1.10
O5' P5P B 10 0.00 3.53 0.28
P P5P B 10 0.89 4.81 -0.13
OP1 P5P B 10 0.90 5.76 1.01
OP2 P5P B 10 2.17 4.29 -0.66
H2 P5P B 10 -1.61 -4.56 -1.25
H6 P5P B 10 1.25 -2.66 -3.59
H8 P5P B 10 0.09 1.65 -1.32
H1' P5P B 10 -2.95 -0.26 -0.03
H2' P5P B 10 -0.85 -0.88 1.63
HO2' P5P B 10 -3.39 0.28 2.18
H3' P5P B 10 0.12 1.32 1.56
HO3' P5P B 10 -1.49 0.82 3.77
H4' P5P B 10 -2.67 2.43 1.98
H5'1 P5P B 10 -1.88 4.32 0.63
H5'2 P5P B 10 -0.86 4.08 2.06
N1 P5P B 10 2.23 -2.55 -3.19
C2 P5P B 10 1.62 -3.12 -2.15
N3 P5P B 10 0.83 -2.54 -1.24
C4 P5P B 10 0.69 -1.21 -1.47
C5 P5P B 10 1.27 -0.49 -2.48
C6 P5P B 10 2.05 -1.23 -3.39
N7 P5P B 10 0.95 0.85 -2.37
C8 P5P B 10 0.18 0.91 -1.31
N9 P5P B 10 -0.04 -0.32 -0.73
C1' P5P B 10 -0.85 -0.65 0.47
C2' P5P B 10 0.03 -0.73 1.71
O2' P5P B 10 -0.49 -1.68 2.62
C3' P5P B 10 -0.11 0.69 2.27
O3' P5P B 10 0.21 0.76 3.65
C4' P5P B 10 -1.58 0.96 1.96
O4' P5P B 10 -1.83 0.36 0.70
C5' P5P B 10 -1.95 2.44 1.97
O5' P5P B 10 -1.13 3.16 1.08
P P5P B 10 -1.25 4.76 0.89
OP1 P5P B 10 -1.59 5.35 2.21
OP2 P5P B 10 -0.05 5.22 0.16
H2 P5P B 10 1.78 -4.19 -2.03
H6 P5P B 10 2.53 -0.74 -4.23
H8 P5P B 10 -0.23 1.83 -0.94
H1' P5P B 10 -1.34 -1.62 0.31
H2' P5P B 10 1.06 -0.96 1.48
HO2' P5P B 10 -0.20 -1.44 3.50
H3' P5P B 10 0.52 1.36 1.69
HO3' P5P B 10 0.18 1.69 3.91
H4' P5P B 10 -2.19 0.44 2.70
H5'1 P5P B 10 -3.00 2.56 1.70
H5'2 P5P B 10 -1.82 2.84 2.99
N1 P5P B 10 1.11 -3.38 -3.27
C2 P5P B 10 0.31 -3.61 -2.23
N3 P5P B 10 -0.25 -2.73 -1.41
C4 P5P B 10 0.08 -1.45 -1.73
C5 P5P B 10 0.90 -1.05 -2.76
C6 P5P B 10 1.41 -2.09 -3.57
N7 P5P B 10 1.07 0.33 -2.75
C8 P5P B 10 0.33 0.72 -1.75
N9 P5P B 10 -0.32 -0.30 -1.09
C1' P5P B 10 -1.24 -0.25 0.07
C2' P5P B 10 -0.49 -0.60 1.36
O2' P5P B 10 -1.37 -1.29 2.24
C3' P5P B 10 -0.14 0.79 1.90
O3' P5P B 10 0.07 0.76 3.29
C4' P5P B 10 -1.39 1.58 1.47
O4' P5P B 10 -1.79 1.05 0.22
C5' P5P B 10 -1.16 3.10 1.40
O5' P5P B 10 -0.14 3.40 0.46
P P5P B 10 0.30 4.91 0.13
OP1 P5P B 10 0.21 5.70 1.38
OP2 P5P B 10 1.58 4.85 -0.61
H2 P5P B 10 0.09 -4.65 -2.04
H6 P5P B 10 2.05 -1.87 -4.41
H8 P5P B 10 0.25 1.75 -1.45
H1' P5P B 10 -2.04 -0.97 -0.10
H2' P5P B 10 0.41 -1.18 1.17
HO2' P5P B 10 -1.54 -2.16 1.86
H3' P5P B 10 0.74 1.17 1.37
HO3' P5P B 10 -0.52 0.07 3.63
H4' P5P B 10 -2.18 1.39 2.20
H5'1 P5P B 10 -2.08 3.58 1.12
H5'2 P5P B 10 -0.84 3.46 2.39
N1 P5P B 10 0.81 -3.89 -3.03
C2 P5P B 10 -0.01 -4.23 -2.04
N3 P5P B 10 -0.66 -3.42 -1.19
C4 P5P B 10 -0.39 -2.11 -1.45
C5 P5P B 10 0.44 -1.62 -2.42
C6 P5P B 10 1.04 -2.58 -3.26
N7 P5P B 10 0.52 -0.23 -2.35
C8 P5P B 10 -0.26 0.07 -1.35
N9 P5P B 10 -0.87 -1.01 -0.77
C1' P5P B 10 -1.83 -1.06 0.37
C2' P5P B 10 -1.08 -1.36 1.68
O2' P5P B 10 -1.94 -2.10 2.54
C3' P5P B 10 -0.83 0.04 2.21
O3' P5P B 10 -0.60 0.05 3.61
C4' P5P B 10 -2.14 0.73 1.80
O4' P5P B 10 -2.47 0.19 0.52
C5' P5P B 10 -2.06 2.26 1.78
O5' P5P B 10 -0.98 2.68 0.96
P P5P B 10 -0.60 4.23 0.76
OP1 P5P B 10 -0.83 4.92 2.05
OP2 P5P B 10 0.74 4.29 0.13
H2 P5P B 10 -0.18 -5.29 -1.89
H6 P5P B 10 1.69 -2.28 -4.07
H8 P5P B 10 -0.42 1.09 -1.02
H1' P5P B 10 -2.56 -1.85 0.18
H2' P5P B 10 -0.16 -1.90 1.51
HO2' P5P B 10 -1.64 -1.93 3.45
H3' P5P B 10 0.01 0.48 1.68
HO3' P5P B 10 -0.37 0.95 3.87
H4' P5P B 10 -2.93 0.43 2.50
H5'1 P5P B 10 -2.99 2.67 1.42
H5'2 P5P B 10 -1.87 2.61 2.80
N1 P5P B 10 0.44 -4.20 -2.44
C2 P5P B 10 -0.34 -4.07 -1.37
N3 P5P B 10 -0.73 -2.94 -0.77
C4 P5P B 10 -0.23 -1.83 -1.38
C5 P5P B 10 0.59 -1.82 -2.49
C6 P5P B 10 0.90 -3.08 -3.04
N7 P5P B 10 0.94 -0.52 -2.82
C8 P5P B 10 0.30 0.20 -1.94
N9 P5P B 10 -0.43 -0.52 -1.03
C1' P5P B 10 -1.26 -0.04 0.09
C2' P5P B 10 -0.67 -0.45 1.44
O2' P5P B 10 -1.69 -0.51 2.42
C3' P5P B 10 0.31 0.70 1.70
O3' P5P B 10 0.66 0.80 3.07
C4' P5P B 10 -0.51 1.89 1.18
O4' P5P B 10 -1.31 1.39 0.11
C5' P5P B 10 0.40 3.03 0.72
O5' P5P B 10 -0.32 4.24 0.66
P P5P B 10 0.35 5.59 0.05
OP1 P5P B 10 0.23 6.65 1.07
OP2 P5P B 10 1.66 5.24 -0.51
H2 P5P B 10 -0.70 -4.99 -0.92
H6 P5P B 10 1.53 -3.16 -3.91
H8 P5P B 10 0.36 1.29 -1.93
H1' P5P B 10 -2.27 -0.45 0.00
H2' P5P B 10 -0.14 -1.41 1.40
HO2' P5P B 10 -1.32 -0.21 3.26
H3' P5P B 10 1.19 0.56 1.08
HO3' P5P B 10 1.28 0.10 3.28
H4' P5P B 10 -1.17 2.24 1.98
H5'1 P5P B 10 1.21 3.15 1.44
H5'2 P5P B 10 0.82 2.78 -0.25
N1 P5P B 10 3.91 -0.69 -5.42
C2 P5P B 10 3.82 -1.75 -4.61
N3 P5P B 10 3.13 -1.87 -3.48
C4 P5P B 10 2.46 -0.72 -3.17
C5 P5P B 10 2.47 0.45 -3.89
C6 P5P B 10 3.22 0.43 -5.08
N7 P5P B 10 1.72 1.43 -3.24
C8 P5P B 10 1.28 0.81 -2.17
N9 P5P B 10 1.66 -0.50 -2.08
C1' P5P B 10 1.34 -1.50 -1.04
C2' P5P B 10 2.50 -1.65 -0.05
O2' P5P B 10 2.60 -2.99 0.38
C3' P5P B 10 2.07 -0.71 1.07
O3' P5P B 10 2.70 -1.07 2.28
C4' P5P B 10 0.56 -0.93 1.07
O4' P5P B 10 0.19 -1.12 -0.29
C5' P5P B 10 -0.22 0.22 1.72
O5' P5P B 10 0.01 1.43 1.02
P P5P B 10 -0.70 2.81 1.45
OP1 P5P B 10 -0.84 2.82 2.93
OP2 P5P B 10 0.01 3.90 0.77
H2 P5P B 10 4.37 -2.62 -4.93
H6 P5P B 10 3.27 1.30 -5.72
H8 P5P B 10 0.67 1.31 -1.44
H1' P5P B 10 1.15 -2.46 -1.53
H2' P5P B 10 3.46 -1.33 -0.49
HO2' P5P B 10 2.87 -3.55 -0.36
H3' P5P B 10 2.31 0.32 0.80
HO3' P5P B 10 2.81 -2.03 2.26
H4' P5P B 10 0.34 -1.85 1.61
H5'1 P5P B 10 -1.28 -0.02 1.70
H5'2 P5P B 10 0.09 0.33 2.76
N1 P5P B 10 0.72 -4.77 -2.91
C2 P5P B 10 -0.04 -4.68 -1.82
N3 P5P B 10 -0.39 -3.59 -1.15
C4 P5P B 10 0.14 -2.46 -1.71
C5 P5P B 10 0.95 -2.40 -2.81
C6 P5P B 10 1.22 -3.64 -3.45
N7 P5P B 10 1.33 -1.09 -3.07
C8 P5P B 10 0.74 -0.40 -2.14
N9 P5P B 10 -0.01 -1.16 -1.26
C1' P5P B 10 -0.80 -0.72 -0.09
C2' P5P B 10 -0.19 -1.24 1.21
O2' P5P B 10 -1.20 -1.35 2.21
C3' P5P B 10 0.81 -0.14 1.54
O3' P5P B 10 1.17 -0.14 2.90
C4' P5P B 10 0.03 1.10 1.11
O4' P5P B 10 -0.80 0.69 0.01
C5' P5P B 10 0.95 2.25 0.70
O5' P5P B 10 0.27 3.49 0.76
P P5P B 10 0.97 4.85 0.24
OP1 P5P B 10 0.93 5.82 1.35
OP2 P5P B 10 2.25 4.51 -0.40
H2 P5P B 10 -0.43 -5.61 -1.45
H6 P5P B 10 1.83 -3.68 -4.33
H8 P5P B 10 0.83 0.67 -2.06
H1' P5P B 10 -1.82 -1.10 -0.19
H2' P5P B 10 0.31 -2.21 1.09
HO2' P5P B 10 -0.77 -1.26 3.07
H3' P5P B 10 1.69 -0.27 0.89
HO3' P5P B 10 1.79 0.59 3.05
H4' P5P B 10 -0.62 1.41 1.92
H5'1 P5P B 10 1.80 2.29 1.38
H5'2 P5P B 10 1.33 2.07 -0.31
N1 P5P B 10 2.25 -4.68 -3.65
C2 P5P B 10 1.79 -4.74 -2.39
N3 P5P B 10 1.40 -3.73 -1.63
C4 P5P B 10 1.50 -2.53 -2.26
C5 P5P B 10 1.94 -2.33 -3.55
C6 P5P B 10 2.33 -3.48 -4.26
N7 P5P B 10 1.93 -0.97 -3.86
C8 P5P B 10 1.46 -0.41 -2.78
N9 P5P B 10 1.20 -1.29 -1.76
C1' P5P B 10 0.79 -1.00 -0.36
C2' P5P B 10 2.00 -1.07 0.57
O2' P5P B 10 1.58 -1.38 1.88
C3' P5P B 10 2.52 0.36 0.48
O3' P5P B 10 3.33 0.71 1.59
C4' P5P B 10 1.21 1.16 0.42
O4' P5P B 10 0.28 0.32 -0.26
C5' P5P B 10 1.35 2.52 -0.28
O5' P5P B 10 0.94 3.62 0.51
P P5P B 10 -0.58 3.90 1.02
OP1 P5P B 10 -1.23 2.61 1.37
OP2 P5P B 10 -0.48 4.94 2.07
H2 P5P B 10 1.74 -5.72 -1.96
H6 P5P B 10 2.68 -3.42 -5.28
H8 P5P B 10 1.30 0.66 -2.70
H1' P5P B 10 0.04 -1.73 -0.05
H2' P5P B 10 2.75 -1.78 0.23
HO2' P5P B 10 2.20 -0.97 2.49
H3' P5P B 10 3.08 0.49 -0.44
HO3' P5P B 10 3.51 1.66 1.56
H4' P5P B 10 0.85 1.30 1.44
H5'1 P5P B 10 2.39 2.67 -0.55
H5'2 P5P B 10 0.79 2.49 -1.22
N1 P5P B 10 0.90 -4.27 -2.98
C2 P5P B 10 0.06 -4.41 -1.96
N3 P5P B 10 -0.43 -3.46 -1.16
C4 P5P B 10 0.03 -2.22 -1.51
C5 P5P B 10 0.89 -1.93 -2.53
C6 P5P B 10 1.32 -3.03 -3.31
N7 P5P B 10 1.20 -0.57 -2.56
C8 P5P B 10 0.49 -0.08 -1.57
N9 P5P B 10 -0.27 -1.02 -0.91
C1' P5P B 10 -1.22 -0.84 0.22
C2' P5P B 10 -0.55 -1.21 1.55
O2' P5P B 10 -1.54 -1.74 2.43
C3' P5P B 10 -0.05 0.15 2.03
O3' P5P B 10 0.15 0.18 3.44
C4' P5P B 10 -1.20 1.05 1.56
O4' P5P B 10 -1.64 0.51 0.31
C5' P5P B 10 -0.80 2.52 1.44
O5' P5P B 10 0.28 2.66 0.55
P P5P B 10 0.93 4.10 0.21
OP1 P5P B 10 0.96 4.90 1.45
OP2 P5P B 10 2.19 3.86 -0.53
H2 P5P B 10 -0.26 -5.41 -1.73
H6 P5P B 10 1.99 -2.89 -4.14
H8 P5P B 10 0.50 0.97 -1.31
H1' P5P B 10 -2.08 -1.49 0.05
H2' P5P B 10 0.27 -1.92 1.42
HO2' P5P B 10 -1.29 -1.48 3.32
H3' P5P B 10 0.86 0.40 1.50
HO3' P5P B 10 1.03 -0.16 3.62
H4' P5P B 10 -2.02 0.97 2.27
H5'1 P5P B 10 -1.65 3.11 1.09
H5'2 P5P B 10 -0.51 2.90 2.43
N1 P5P B 10 1.50 -3.05 -2.91
C2 P5P B 10 0.70 -3.31 -1.88
N3 P5P B 10 0.04 -2.44 -1.11
C4 P5P B 10 0.28 -1.15 -1.48
C5 P5P B 10 1.08 -0.74 -2.50
C6 P5P B 10 1.70 -1.77 -3.25
N7 P5P B 10 1.14 0.66 -2.55
C8 P5P B 10 0.35 1.03 -1.58
N9 P5P B 10 -0.23 -0.02 -0.89
C1' P5P B 10 -1.17 0.02 0.24
C2' P5P B 10 -0.42 -0.15 1.57
O2' P5P B 10 -1.24 -0.82 2.51
C3' P5P B 10 -0.19 1.30 1.98
O3' P5P B 10 0.06 1.44 3.37
C4' P5P B 10 -1.51 1.93 1.52
O4' P5P B 10 -1.83 1.28 0.30
C5' P5P B 10 -1.45 3.45 1.36
O5' P5P B 10 -0.41 3.81 0.48
P P5P B 10 -0.05 5.35 0.15
OP1 P5P B 10 -0.28 6.15 1.38
OP2 P5P B 10 1.27 5.37 -0.51
H2 P5P B 10 0.56 -4.35 -1.63
H6 P5P B 10 2.34 -1.53 -4.09
H8 P5P B 10 0.18 2.07 -1.35
H1' P5P B 10 -1.89 -0.79 0.14
H2' P5P B 10 0.53 -0.68 1.44
HO2' P5P B 10 -0.95 -0.56 3.37
H3' P5P B 10 0.65 1.71 1.40
HO3' P5P B 10 0.27 2.36 3.54
H4' P5P B 10 -2.29 1.69 2.25
H5'1 P5P B 10 -2.40 3.81 0.98
H5'2 P5P B 10 -1.27 3.90 2.34
N1 P5P B 10 2.28 -2.83 -3.82
C2 P5P B 10 1.74 -3.51 -2.82
N3 P5P B 10 0.99 -3.02 -1.83
C4 P5P B 10 0.82 -1.67 -1.91
C5 P5P B 10 1.34 -0.86 -2.89
C6 P5P B 10 2.09 -1.50 -3.89
N7 P5P B 10 1.01 0.47 -2.64
C8 P5P B 10 0.30 0.41 -1.55
N9 P5P B 10 0.11 -0.86 -1.06
C1' P5P B 10 -0.64 -1.32 0.14
C2' P5P B 10 0.30 -1.49 1.33
O2' P5P B 10 -0.17 -2.53 2.16
C3' P5P B 10 0.16 -0.13 2.02
O3' P5P B 10 0.54 -0.18 3.38
C4' P5P B 10 -1.33 0.15 1.80
O4' P5P B 10 -1.62 -0.34 0.49
C5' P5P B 10 -1.72 1.61 1.96
O5' P5P B 10 -0.93 2.43 1.10
P P5P B 10 -1.07 4.03 1.08
OP1 P5P B 10 -1.35 4.49 2.46
OP2 P5P B 10 0.11 4.57 0.37
H2 P5P B 10 1.91 -4.57 -2.80
H6 P5P B 10 2.52 -0.94 -4.71
H8 P5P B 10 -0.10 1.29 -1.07
H1' P5P B 10 -1.11 -2.27 -0.09
H2' P5P B 10 1.34 -1.67 1.03
HO2' P5P B 10 0.15 -2.35 3.04
H3' P5P B 10 0.77 0.61 1.48
HO3' P5P B 10 0.51 0.73 3.73
H4' P5P B 10 -1.89 -0.45 2.51
H5'1 P5P B 10 -2.76 1.74 1.72
H5'2 P5P B 10 -1.55 1.91 2.99
#